data_6G6V
#
_entry.id   6G6V
#
_cell.length_a   97.751
_cell.length_b   97.751
_cell.length_c   114.711
_cell.angle_alpha   90.000
_cell.angle_beta   90.000
_cell.angle_gamma   120.000
#
_symmetry.space_group_name_H-M   'H 3 2'
#
loop_
_entity.id
_entity.type
_entity.pdbx_description
1 polymer 'Phosphopantetheine adenylyltransferase'
2 non-polymer '4-(2-carboxyphenyl)carbonyl-2-nitro-benzoic acid'
3 water water
#
_entity_poly.entity_id   1
_entity_poly.type   'polypeptide(L)'
_entity_poly.pdbx_seq_one_letter_code
;GSMTGAVCPGSFDPVTLGHVDIFERAAAQFDEVVVAILVNPAKTGMFDLDERIAMVKESTTHLPNLRVQVGHGLVVDFVR
SCGMTAIVKGLRTGTDFEYELQMAQMNKHIAGVDTFFVATAPRYSFVSSSLAKEVAMLGGDVSELLPEPVNRRLRDRLNT
ERT
;
_entity_poly.pdbx_strand_id   A
#
# COMPACT_ATOMS: atom_id res chain seq x y z
N MET A 3 -14.39 2.99 -15.66
CA MET A 3 -13.55 3.95 -16.38
C MET A 3 -12.69 4.77 -15.42
N THR A 4 -13.05 4.76 -14.14
CA THR A 4 -12.20 5.36 -13.11
C THR A 4 -11.23 4.31 -12.59
N GLY A 5 -10.03 4.74 -12.21
CA GLY A 5 -9.04 3.80 -11.71
C GLY A 5 -8.03 4.47 -10.81
N ALA A 6 -7.71 3.80 -9.70
CA ALA A 6 -6.74 4.34 -8.76
C ALA A 6 -5.56 3.39 -8.64
N VAL A 7 -4.36 3.96 -8.52
CA VAL A 7 -3.18 3.18 -8.22
C VAL A 7 -2.80 3.43 -6.77
N CYS A 8 -2.62 2.36 -6.01
CA CYS A 8 -2.11 2.48 -4.64
C CYS A 8 -0.67 2.00 -4.60
N PRO A 9 0.29 2.93 -4.58
CA PRO A 9 1.69 2.51 -4.71
C PRO A 9 2.36 2.41 -3.35
N GLY A 10 3.42 1.61 -3.27
CA GLY A 10 4.14 1.45 -2.02
C GLY A 10 5.15 0.32 -2.13
N SER A 11 5.94 0.12 -1.08
CA SER A 11 6.89 -0.99 -1.09
C SER A 11 6.25 -2.27 -0.54
N PHE A 12 5.23 -2.10 0.30
CA PHE A 12 4.49 -3.21 0.90
C PHE A 12 5.41 -4.35 1.39
N ASP A 13 6.29 -4.01 2.32
CA ASP A 13 7.34 -4.92 2.79
C ASP A 13 7.32 -5.04 4.33
N PRO A 14 6.29 -5.69 4.89
CA PRO A 14 5.18 -6.32 4.17
C PRO A 14 3.93 -5.44 4.18
N VAL A 15 2.92 -5.84 3.42
CA VAL A 15 1.63 -5.18 3.49
C VAL A 15 1.06 -5.32 4.93
N THR A 16 0.36 -4.30 5.41
CA THR A 16 -0.21 -4.32 6.77
C THR A 16 -1.73 -4.26 6.70
N LEU A 17 -2.41 -4.39 7.83
CA LEU A 17 -3.87 -4.26 7.82
C LEU A 17 -4.29 -2.81 7.54
N GLY A 18 -3.39 -1.86 7.82
CA GLY A 18 -3.65 -0.46 7.48
C GLY A 18 -3.70 -0.33 5.97
N HIS A 19 -2.72 -0.93 5.28
CA HIS A 19 -2.74 -0.96 3.81
C HIS A 19 -4.01 -1.60 3.24
N VAL A 20 -4.42 -2.74 3.79
CA VAL A 20 -5.61 -3.42 3.26
C VAL A 20 -6.87 -2.54 3.43
N ASP A 21 -6.95 -1.83 4.56
CA ASP A 21 -8.04 -0.89 4.81
C ASP A 21 -8.10 0.17 3.71
N ILE A 22 -6.95 0.72 3.33
CA ILE A 22 -6.86 1.66 2.21
C ILE A 22 -7.31 1.02 0.89
N PHE A 23 -6.82 -0.19 0.62
CA PHE A 23 -7.22 -0.90 -0.61
C PHE A 23 -8.75 -1.04 -0.69
N GLU A 24 -9.36 -1.44 0.41
CA GLU A 24 -10.81 -1.68 0.46
C GLU A 24 -11.56 -0.40 0.20
N ARG A 25 -11.07 0.69 0.80
CA ARG A 25 -11.74 1.97 0.63
C ARG A 25 -11.53 2.53 -0.77
N ALA A 26 -10.35 2.33 -1.35
CA ALA A 26 -10.16 2.68 -2.76
C ALA A 26 -11.05 1.86 -3.69
N ALA A 27 -11.13 0.56 -3.43
CA ALA A 27 -11.91 -0.33 -4.29
C ALA A 27 -13.40 -0.01 -4.26
N ALA A 28 -13.85 0.62 -3.19
CA ALA A 28 -15.26 0.98 -3.07
C ALA A 28 -15.64 2.22 -3.88
N GLN A 29 -14.65 3.02 -4.27
CA GLN A 29 -14.92 4.31 -4.94
C GLN A 29 -14.46 4.36 -6.39
N PHE A 30 -13.60 3.41 -6.78
CA PHE A 30 -13.06 3.40 -8.14
C PHE A 30 -13.45 2.10 -8.86
N ASP A 31 -13.67 2.18 -10.17
CA ASP A 31 -14.01 0.97 -10.93
C ASP A 31 -12.91 -0.09 -10.80
N GLU A 32 -11.66 0.36 -10.84
CA GLU A 32 -10.52 -0.56 -10.71
C GLU A 32 -9.46 0.01 -9.76
N VAL A 33 -8.78 -0.88 -9.04
CA VAL A 33 -7.66 -0.49 -8.18
C VAL A 33 -6.46 -1.34 -8.57
N VAL A 34 -5.31 -0.70 -8.74
CA VAL A 34 -4.07 -1.43 -9.02
C VAL A 34 -3.12 -1.17 -7.87
N VAL A 35 -2.73 -2.23 -7.17
CA VAL A 35 -1.71 -2.08 -6.14
C VAL A 35 -0.36 -2.21 -6.85
N ALA A 36 0.43 -1.15 -6.80
CA ALA A 36 1.74 -1.16 -7.47
C ALA A 36 2.85 -1.32 -6.43
N ILE A 37 3.56 -2.45 -6.50
CA ILE A 37 4.66 -2.71 -5.57
C ILE A 37 5.96 -2.18 -6.17
N LEU A 38 6.59 -1.22 -5.50
CA LEU A 38 7.77 -0.56 -6.05
C LEU A 38 9.09 -0.91 -5.34
N GLY A 45 15.40 -4.33 2.13
CA GLY A 45 14.07 -4.90 2.21
C GLY A 45 14.08 -6.27 2.88
N MET A 46 12.96 -6.64 3.51
CA MET A 46 12.86 -7.91 4.23
C MET A 46 12.38 -9.05 3.36
N PHE A 47 11.40 -8.76 2.49
CA PHE A 47 10.82 -9.77 1.62
C PHE A 47 11.15 -9.46 0.16
N ASP A 48 11.41 -10.49 -0.64
CA ASP A 48 11.66 -10.25 -2.05
C ASP A 48 10.36 -9.95 -2.78
N LEU A 49 10.47 -9.58 -4.04
CA LEU A 49 9.35 -9.14 -4.86
C LEU A 49 8.19 -10.14 -4.89
N ASP A 50 8.51 -11.40 -5.16
CA ASP A 50 7.50 -12.45 -5.27
C ASP A 50 6.71 -12.66 -3.97
N GLU A 51 7.40 -12.61 -2.84
CA GLU A 51 6.74 -12.73 -1.53
C GLU A 51 5.76 -11.58 -1.35
N ARG A 52 6.21 -10.37 -1.66
CA ARG A 52 5.36 -9.19 -1.47
C ARG A 52 4.06 -9.26 -2.25
N ILE A 53 4.17 -9.64 -3.53
CA ILE A 53 3.02 -9.82 -4.41
C ILE A 53 2.03 -10.83 -3.85
N ALA A 54 2.54 -12.02 -3.52
CA ALA A 54 1.72 -13.08 -2.98
C ALA A 54 1.00 -12.63 -1.71
N MET A 55 1.72 -11.94 -0.83
CA MET A 55 1.12 -11.47 0.42
C MET A 55 0.00 -10.47 0.13
N VAL A 56 0.21 -9.59 -0.84
CA VAL A 56 -0.85 -8.64 -1.18
C VAL A 56 -2.02 -9.39 -1.79
N LYS A 57 -1.74 -10.26 -2.76
CA LYS A 57 -2.79 -11.04 -3.41
C LYS A 57 -3.58 -11.87 -2.40
N GLU A 58 -2.87 -12.57 -1.53
CA GLU A 58 -3.51 -13.43 -0.53
C GLU A 58 -4.37 -12.64 0.44
N SER A 59 -4.08 -11.35 0.59
CA SER A 59 -4.78 -10.51 1.55
C SER A 59 -5.93 -9.71 0.95
N THR A 60 -6.13 -9.84 -0.36
CA THR A 60 -7.13 -9.01 -1.06
C THR A 60 -8.07 -9.81 -1.95
N THR A 61 -8.17 -11.12 -1.70
CA THR A 61 -9.02 -11.98 -2.52
C THR A 61 -10.49 -11.57 -2.43
N HIS A 62 -10.84 -10.84 -1.38
CA HIS A 62 -12.20 -10.35 -1.20
C HIS A 62 -12.43 -9.04 -1.96
N LEU A 63 -11.48 -8.65 -2.80
CA LEU A 63 -11.59 -7.40 -3.58
C LEU A 63 -11.50 -7.69 -5.09
N PRO A 64 -12.64 -8.02 -5.72
CA PRO A 64 -12.64 -8.49 -7.12
C PRO A 64 -12.13 -7.47 -8.15
N ASN A 65 -12.27 -6.18 -7.87
CA ASN A 65 -11.84 -5.15 -8.83
C ASN A 65 -10.45 -4.63 -8.55
N LEU A 66 -9.67 -5.39 -7.77
CA LEU A 66 -8.31 -4.99 -7.45
C LEU A 66 -7.32 -5.95 -8.07
N ARG A 67 -6.26 -5.40 -8.66
CA ARG A 67 -5.19 -6.25 -9.19
C ARG A 67 -3.84 -5.79 -8.63
N VAL A 68 -2.89 -6.71 -8.55
CA VAL A 68 -1.58 -6.40 -8.00
C VAL A 68 -0.51 -6.47 -9.10
N GLN A 69 0.32 -5.45 -9.19
CA GLN A 69 1.34 -5.39 -10.24
C GLN A 69 2.67 -4.93 -9.66
N VAL A 70 3.77 -5.47 -10.14
CA VAL A 70 5.07 -4.90 -9.79
C VAL A 70 5.27 -3.65 -10.65
N GLY A 71 5.76 -2.57 -10.03
CA GLY A 71 5.98 -1.34 -10.74
C GLY A 71 7.46 -1.00 -10.85
N HIS A 72 7.82 -0.18 -11.83
CA HIS A 72 9.18 0.32 -11.95
C HIS A 72 9.18 1.77 -12.47
N GLY A 73 10.08 2.59 -11.95
CA GLY A 73 10.14 3.98 -12.36
C GLY A 73 9.10 4.82 -11.65
N LEU A 74 8.84 6.02 -12.15
CA LEU A 74 7.93 6.96 -11.49
C LEU A 74 6.52 6.40 -11.36
N VAL A 75 5.89 6.65 -10.22
CA VAL A 75 4.51 6.23 -10.05
C VAL A 75 3.60 6.82 -11.12
N VAL A 76 3.81 8.09 -11.47
CA VAL A 76 2.94 8.74 -12.45
C VAL A 76 3.02 8.10 -13.84
N ASP A 77 4.18 7.55 -14.20
CA ASP A 77 4.30 6.87 -15.48
C ASP A 77 3.51 5.57 -15.43
N PHE A 78 3.51 4.93 -14.26
CA PHE A 78 2.75 3.71 -14.07
C PHE A 78 1.26 4.01 -14.21
N VAL A 79 0.82 5.07 -13.53
CA VAL A 79 -0.57 5.49 -13.62
C VAL A 79 -1.00 5.77 -15.05
N ARG A 80 -0.24 6.60 -15.76
CA ARG A 80 -0.64 6.95 -17.12
C ARG A 80 -0.55 5.75 -18.07
N SER A 81 0.44 4.89 -17.89
CA SER A 81 0.54 3.69 -18.74
C SER A 81 -0.64 2.73 -18.55
N CYS A 82 -1.10 2.57 -17.32
CA CYS A 82 -2.23 1.71 -17.01
C CYS A 82 -3.56 2.34 -17.40
N GLY A 83 -3.51 3.57 -17.91
CA GLY A 83 -4.73 4.29 -18.22
C GLY A 83 -5.52 4.59 -16.96
N MET A 84 -4.84 4.52 -15.82
CA MET A 84 -5.47 4.84 -14.54
C MET A 84 -5.56 6.34 -14.43
N THR A 85 -6.25 6.82 -13.41
CA THR A 85 -6.69 8.22 -13.37
C THR A 85 -6.30 8.96 -12.09
N ALA A 86 -5.66 8.27 -11.15
CA ALA A 86 -5.37 8.86 -9.84
C ALA A 86 -4.51 7.95 -8.98
N ILE A 87 -3.86 8.55 -7.99
CA ILE A 87 -3.08 7.81 -7.01
C ILE A 87 -3.86 7.91 -5.70
N VAL A 88 -3.95 6.82 -4.95
CA VAL A 88 -4.61 6.90 -3.65
C VAL A 88 -3.63 6.40 -2.58
N LYS A 89 -3.47 7.13 -1.50
CA LYS A 89 -2.67 6.64 -0.39
C LYS A 89 -3.21 7.06 0.96
N GLY A 90 -2.80 6.34 1.99
CA GLY A 90 -3.28 6.54 3.34
C GLY A 90 -2.42 7.55 4.05
N LEU A 91 -3.01 8.30 4.97
CA LEU A 91 -2.28 9.28 5.78
C LEU A 91 -2.62 9.06 7.22
N ARG A 92 -1.60 9.13 8.08
CA ARG A 92 -1.81 8.99 9.52
C ARG A 92 -1.64 10.32 10.30
N THR A 93 -0.67 11.14 9.90
CA THR A 93 -0.33 12.31 10.72
C THR A 93 -0.16 13.54 9.85
N GLY A 94 -0.11 14.72 10.48
CA GLY A 94 0.16 15.95 9.76
C GLY A 94 1.56 15.93 9.15
N THR A 95 2.52 15.27 9.81
CA THR A 95 3.83 15.18 9.18
C THR A 95 3.87 14.23 7.97
N ASP A 96 3.08 13.14 7.98
CA ASP A 96 2.85 12.36 6.75
C ASP A 96 2.35 13.27 5.65
N PHE A 97 1.35 14.08 5.98
CA PHE A 97 0.69 14.90 4.97
C PHE A 97 1.69 15.84 4.27
N GLU A 98 2.59 16.46 5.03
CA GLU A 98 3.51 17.43 4.45
C GLU A 98 4.52 16.83 3.48
N TYR A 99 4.98 15.62 3.76
CA TYR A 99 5.90 14.97 2.81
C TYR A 99 5.14 14.45 1.60
N GLU A 100 3.98 13.86 1.84
CA GLU A 100 3.19 13.35 0.73
C GLU A 100 2.63 14.53 -0.06
N LEU A 101 2.42 15.65 0.59
CA LEU A 101 1.97 16.87 -0.11
C LEU A 101 2.95 17.27 -1.20
N GLN A 102 4.23 17.34 -0.84
CA GLN A 102 5.26 17.75 -1.80
C GLN A 102 5.29 16.80 -2.99
N MET A 103 5.21 15.51 -2.69
CA MET A 103 5.22 14.49 -3.75
C MET A 103 3.99 14.61 -4.64
N ALA A 104 2.83 14.87 -4.05
CA ALA A 104 1.60 14.97 -4.85
C ALA A 104 1.64 16.18 -5.76
N GLN A 105 2.13 17.31 -5.24
CA GLN A 105 2.25 18.53 -6.03
C GLN A 105 3.22 18.31 -7.18
N MET A 106 4.34 17.66 -6.86
CA MET A 106 5.34 17.32 -7.88
C MET A 106 4.72 16.42 -8.95
N ASN A 107 4.04 15.37 -8.52
CA ASN A 107 3.40 14.45 -9.49
C ASN A 107 2.36 15.14 -10.37
N LYS A 108 1.64 16.08 -9.78
CA LYS A 108 0.65 16.88 -10.51
C LYS A 108 1.35 17.75 -11.54
N HIS A 109 2.44 18.37 -11.13
CA HIS A 109 3.22 19.24 -12.02
C HIS A 109 3.77 18.48 -13.22
N ILE A 110 4.38 17.33 -12.97
CA ILE A 110 5.11 16.66 -14.04
C ILE A 110 4.22 15.83 -14.95
N ALA A 111 3.07 15.37 -14.47
CA ALA A 111 2.28 14.41 -15.24
C ALA A 111 0.78 14.69 -15.24
N GLY A 112 0.35 15.68 -14.48
CA GLY A 112 -1.06 16.01 -14.41
C GLY A 112 -1.84 14.98 -13.61
N VAL A 113 -1.14 14.07 -12.94
CA VAL A 113 -1.79 13.01 -12.18
C VAL A 113 -2.15 13.46 -10.77
N ASP A 114 -3.40 13.24 -10.39
CA ASP A 114 -3.90 13.67 -9.09
C ASP A 114 -3.72 12.60 -8.02
N THR A 115 -3.69 13.03 -6.76
CA THR A 115 -3.53 12.15 -5.60
C THR A 115 -4.66 12.41 -4.60
N PHE A 116 -5.34 11.35 -4.20
CA PHE A 116 -6.37 11.42 -3.18
C PHE A 116 -5.87 10.74 -1.93
N PHE A 117 -5.96 11.42 -0.79
CA PHE A 117 -5.48 10.85 0.44
C PHE A 117 -6.66 10.39 1.28
N VAL A 118 -6.46 9.32 2.03
CA VAL A 118 -7.49 8.81 2.91
C VAL A 118 -6.91 8.70 4.31
N ALA A 119 -7.67 9.13 5.32
CA ALA A 119 -7.22 9.04 6.70
C ALA A 119 -7.25 7.59 7.14
N THR A 120 -6.19 7.16 7.80
CA THR A 120 -6.09 5.81 8.31
C THR A 120 -7.24 5.57 9.27
N ALA A 121 -7.67 4.32 9.39
CA ALA A 121 -8.60 3.95 10.44
C ALA A 121 -7.87 4.16 11.78
N PRO A 122 -8.61 4.62 12.80
CA PRO A 122 -7.94 4.95 14.06
C PRO A 122 -7.17 3.77 14.63
N ARG A 123 -7.74 2.57 14.54
CA ARG A 123 -7.07 1.41 15.13
C ARG A 123 -5.76 1.00 14.43
N TYR A 124 -5.50 1.52 13.24
CA TYR A 124 -4.26 1.19 12.53
C TYR A 124 -3.31 2.39 12.41
N SER A 125 -3.62 3.46 13.15
CA SER A 125 -2.90 4.73 13.04
C SER A 125 -1.40 4.61 13.32
N PHE A 126 -1.03 3.68 14.20
CA PHE A 126 0.36 3.57 14.64
C PHE A 126 1.08 2.44 13.89
N VAL A 127 0.40 1.82 12.95
CA VAL A 127 0.98 0.69 12.22
C VAL A 127 1.65 1.11 10.91
N SER A 128 2.91 0.73 10.74
CA SER A 128 3.63 0.90 9.47
C SER A 128 4.46 -0.35 9.21
N SER A 129 4.81 -0.59 7.95
CA SER A 129 5.63 -1.75 7.61
C SER A 129 6.93 -1.71 8.39
N SER A 130 7.55 -0.53 8.43
CA SER A 130 8.83 -0.37 9.11
C SER A 130 8.77 -0.67 10.59
N LEU A 131 7.81 -0.06 11.28
CA LEU A 131 7.72 -0.26 12.73
C LEU A 131 7.32 -1.70 13.05
N ALA A 132 6.40 -2.25 12.29
CA ALA A 132 6.03 -3.66 12.44
C ALA A 132 7.27 -4.56 12.35
N LYS A 133 8.10 -4.34 11.34
CA LYS A 133 9.32 -5.13 11.14
C LYS A 133 10.32 -5.01 12.28
N GLU A 134 10.58 -3.78 12.74
CA GLU A 134 11.53 -3.55 13.84
C GLU A 134 11.04 -4.22 15.12
N VAL A 135 9.75 -4.08 15.41
CA VAL A 135 9.18 -4.76 16.57
C VAL A 135 9.25 -6.28 16.43
N ALA A 136 8.86 -6.80 15.28
CA ALA A 136 8.95 -8.23 15.02
C ALA A 136 10.37 -8.78 15.16
N MET A 137 11.34 -8.07 14.59
CA MET A 137 12.74 -8.54 14.68
C MET A 137 13.25 -8.57 16.11
N LEU A 138 12.62 -7.78 16.99
CA LEU A 138 13.02 -7.74 18.40
C LEU A 138 12.18 -8.63 19.30
N GLY A 139 11.28 -9.42 18.71
CA GLY A 139 10.53 -10.41 19.49
C GLY A 139 9.12 -10.02 19.92
N GLY A 140 8.61 -8.89 19.42
CA GLY A 140 7.27 -8.46 19.75
C GLY A 140 6.22 -9.06 18.82
N ASP A 141 4.98 -9.11 19.30
CA ASP A 141 3.91 -9.76 18.53
C ASP A 141 3.06 -8.71 17.84
N VAL A 142 3.20 -8.63 16.52
CA VAL A 142 2.41 -7.68 15.74
C VAL A 142 1.34 -8.38 14.90
N SER A 143 1.01 -9.62 15.26
CA SER A 143 0.07 -10.40 14.43
C SER A 143 -1.32 -9.78 14.30
N GLU A 144 -1.76 -8.96 15.25
CA GLU A 144 -3.07 -8.32 15.14
C GLU A 144 -3.02 -7.10 14.21
N LEU A 145 -1.84 -6.78 13.70
CA LEU A 145 -1.68 -5.57 12.87
C LEU A 145 -1.41 -5.92 11.40
N LEU A 146 -1.28 -7.23 11.13
CA LEU A 146 -0.94 -7.72 9.80
C LEU A 146 -1.92 -8.81 9.36
N PRO A 147 -2.14 -8.95 8.04
CA PRO A 147 -2.99 -10.04 7.53
C PRO A 147 -2.35 -11.39 7.84
N GLU A 148 -3.14 -12.44 7.95
CA GLU A 148 -2.59 -13.76 8.29
C GLU A 148 -1.57 -14.29 7.28
N PRO A 149 -1.79 -14.04 5.98
CA PRO A 149 -0.81 -14.43 4.96
C PRO A 149 0.56 -13.81 5.21
N VAL A 150 0.60 -12.60 5.75
CA VAL A 150 1.84 -11.98 6.17
C VAL A 150 2.37 -12.61 7.47
N ASN A 151 1.48 -12.80 8.43
CA ASN A 151 1.87 -13.41 9.70
C ASN A 151 2.51 -14.77 9.49
N ARG A 152 1.93 -15.56 8.57
CA ARG A 152 2.49 -16.87 8.23
C ARG A 152 3.93 -16.76 7.75
N ARG A 153 4.18 -15.86 6.79
CA ARG A 153 5.51 -15.72 6.21
C ARG A 153 6.47 -15.09 7.19
N LEU A 154 5.95 -14.21 8.04
CA LEU A 154 6.76 -13.54 9.04
C LEU A 154 7.30 -14.52 10.07
N ARG A 155 6.42 -15.39 10.58
CA ARG A 155 6.84 -16.40 11.55
C ARG A 155 7.91 -17.30 10.96
N ASP A 156 7.70 -17.69 9.70
CA ASP A 156 8.64 -18.55 9.02
C ASP A 156 10.00 -17.88 8.85
N ARG A 157 9.98 -16.60 8.48
CA ARG A 157 11.23 -15.86 8.26
C ARG A 157 11.95 -15.54 9.57
N LEU A 158 11.25 -15.63 10.69
CA LEU A 158 11.87 -15.42 12.00
C LEU A 158 12.02 -16.71 12.79
N ASN A 159 11.52 -17.81 12.22
CA ASN A 159 11.81 -19.15 12.72
C ASN A 159 13.02 -19.73 12.01
#